data_5PA0
#
_entry.id   5PA0
#
_cell.length_a   50.103
_cell.length_b   53.259
_cell.length_c   81.013
_cell.angle_alpha   90.000
_cell.angle_beta   90.000
_cell.angle_gamma   90.000
#
_symmetry.space_group_name_H-M   'P 21 21 21'
#
loop_
_entity.id
_entity.type
_entity.pdbx_description
1 polymer 'Catechol O-methyltransferase'
2 non-polymer S-ADENOSYL-L-HOMOCYSTEINE
3 non-polymer 1-methyl-3-oxidanyl-5-phenyl-pyridin-2-one
4 non-polymer 'CHLORIDE ION'
5 non-polymer '3-CYCLOHEXYL-1-PROPYLSULFONIC ACID'
6 non-polymer 'SULFATE ION'
7 non-polymer 'MAGNESIUM ION'
8 water water
#
_entity_poly.entity_id   1
_entity_poly.type   'polypeptide(L)'
_entity_poly.pdbx_seq_one_letter_code
;MGDTKEQRILRYVQQNAKPGDPQSVLEAIDTYCTQKEWA(SME)NVGDAKGQIMDAVIREYSPSLVLELGAYCGYSAVRM
ARLLQPGARLLTMEINPDCAAITQQMLNFAGLQDKVTILNGASQDLIPQLKKKYDVDTLDMVFLDHWKDRYLPDTLLLEK
CGLLRKGTVLLADNVIVPGTPDFLAYVRGSSSFECTHYSSYLEYMKVVDGLEKAIYQGPSSPDKS
;
_entity_poly.pdbx_strand_id   A
#
loop_
_chem_comp.id
_chem_comp.type
_chem_comp.name
_chem_comp.formula
7JR non-polymer 1-methyl-3-oxidanyl-5-phenyl-pyridin-2-one 'C12 H11 N O2'
CL non-polymer 'CHLORIDE ION' 'Cl -1'
CXS non-polymer '3-CYCLOHEXYL-1-PROPYLSULFONIC ACID' 'C9 H19 N O3 S'
MG non-polymer 'MAGNESIUM ION' 'Mg 2'
SO4 non-polymer 'SULFATE ION' 'O4 S -2'
#
# COMPACT_ATOMS: atom_id res chain seq x y z
N ASP A 3 12.06 -11.78 -20.54
CA ASP A 3 11.73 -11.35 -19.19
C ASP A 3 10.33 -10.76 -19.13
N THR A 4 9.88 -10.47 -17.91
CA THR A 4 8.59 -9.86 -17.70
C THR A 4 8.75 -8.36 -17.53
N LYS A 5 7.63 -7.65 -17.64
CA LYS A 5 7.62 -6.23 -17.38
C LYS A 5 8.15 -5.90 -15.99
N GLU A 6 7.78 -6.70 -15.01
CA GLU A 6 8.20 -6.45 -13.65
C GLU A 6 9.72 -6.58 -13.50
N GLN A 7 10.31 -7.58 -14.18
CA GLN A 7 11.74 -7.73 -14.17
CA GLN A 7 11.76 -7.76 -14.23
C GLN A 7 12.40 -6.55 -14.91
N ARG A 8 11.77 -6.08 -15.98
CA ARG A 8 12.32 -4.92 -16.67
C ARG A 8 12.30 -3.67 -15.81
N ILE A 9 11.26 -3.49 -15.01
CA ILE A 9 11.18 -2.34 -14.12
C ILE A 9 12.32 -2.41 -13.09
N LEU A 10 12.52 -3.59 -12.50
CA LEU A 10 13.59 -3.75 -11.51
C LEU A 10 14.95 -3.45 -12.12
N ARG A 11 15.21 -4.01 -13.30
CA ARG A 11 16.49 -3.77 -13.95
C ARG A 11 16.67 -2.28 -14.24
N TYR A 12 15.62 -1.62 -14.73
CA TYR A 12 15.70 -0.20 -14.99
C TYR A 12 16.09 0.56 -13.73
N VAL A 13 15.45 0.25 -12.60
CA VAL A 13 15.81 0.90 -11.35
C VAL A 13 17.29 0.67 -11.01
N GLN A 14 17.73 -0.59 -11.11
CA GLN A 14 19.10 -0.90 -10.74
C GLN A 14 20.09 -0.14 -11.61
N GLN A 15 19.68 0.22 -12.83
CA GLN A 15 20.60 0.86 -13.76
C GLN A 15 20.38 2.37 -13.91
N ASN A 16 19.39 2.91 -13.22
CA ASN A 16 19.04 4.32 -13.38
C ASN A 16 18.75 5.04 -12.08
N ALA A 17 19.01 4.39 -10.97
CA ALA A 17 18.84 5.01 -9.67
C ALA A 17 20.10 4.82 -8.83
N LYS A 18 20.15 5.48 -7.68
CA LYS A 18 21.28 5.38 -6.77
C LYS A 18 20.94 4.44 -5.63
N PRO A 19 21.80 3.43 -5.40
CA PRO A 19 21.60 2.52 -4.28
C PRO A 19 21.44 3.29 -2.98
N GLY A 20 20.45 2.92 -2.18
CA GLY A 20 20.21 3.54 -0.90
C GLY A 20 19.48 4.87 -0.95
N ASP A 21 18.99 5.25 -2.13
CA ASP A 21 18.31 6.54 -2.32
C ASP A 21 16.88 6.28 -2.80
N PRO A 22 15.95 6.16 -1.85
CA PRO A 22 14.56 5.85 -2.22
C PRO A 22 13.93 6.83 -3.22
N GLN A 23 14.19 8.11 -3.11
CA GLN A 23 13.57 9.05 -4.03
CA GLN A 23 13.62 9.08 -4.04
C GLN A 23 14.02 8.75 -5.47
N SER A 24 15.29 8.39 -5.65
CA SER A 24 15.79 8.07 -7.00
C SER A 24 15.13 6.80 -7.55
N VAL A 25 14.81 5.86 -6.67
CA VAL A 25 14.10 4.65 -7.04
C VAL A 25 12.70 4.98 -7.55
N LEU A 26 11.97 5.80 -6.79
CA LEU A 26 10.62 6.19 -7.22
C LEU A 26 10.67 6.91 -8.55
N GLU A 27 11.62 7.83 -8.69
CA GLU A 27 11.72 8.61 -9.91
C GLU A 27 12.01 7.71 -11.10
N ALA A 28 12.87 6.70 -10.89
CA ALA A 28 13.19 5.78 -11.98
C ALA A 28 11.97 4.97 -12.40
N ILE A 29 11.20 4.48 -11.43
CA ILE A 29 10.02 3.72 -11.78
C ILE A 29 9.01 4.59 -12.50
N ASP A 30 8.79 5.79 -12.01
CA ASP A 30 7.82 6.66 -12.63
C ASP A 30 8.23 7.04 -14.06
N THR A 31 9.52 7.26 -14.27
CA THR A 31 10.02 7.54 -15.63
C THR A 31 9.78 6.35 -16.53
N TYR A 32 10.16 5.15 -16.07
CA TYR A 32 9.98 3.96 -16.88
C TYR A 32 8.51 3.79 -17.26
N CYS A 33 7.62 4.01 -16.30
CA CYS A 33 6.22 3.72 -16.55
C CYS A 33 5.52 4.79 -17.35
N THR A 34 6.10 5.97 -17.41
CA THR A 34 5.58 7.04 -18.23
C THR A 34 6.12 6.96 -19.66
N GLN A 35 7.38 6.57 -19.80
CA GLN A 35 8.04 6.63 -21.11
CA GLN A 35 8.07 6.62 -21.10
C GLN A 35 8.08 5.29 -21.83
N LYS A 36 8.17 4.19 -21.08
CA LYS A 36 8.39 2.86 -21.66
C LYS A 36 7.16 1.95 -21.62
N GLU A 37 6.70 1.59 -20.42
CA GLU A 37 5.58 0.66 -20.28
C GLU A 37 4.78 1.02 -19.03
N TRP A 38 3.49 1.29 -19.15
CA TRP A 38 2.62 1.48 -17.99
C TRP A 38 2.66 0.29 -17.05
N ALA A 39 2.55 0.56 -15.75
CA ALA A 39 2.37 -0.50 -14.78
C ALA A 39 1.55 0.04 -13.59
N SME A 40 0.92 -0.87 -12.85
CA SME A 40 -0.06 -0.54 -11.83
CB SME A 40 -1.00 -1.70 -11.69
CG SME A 40 -0.44 -3.00 -11.18
S SME A 40 -1.57 -4.33 -11.01
OE SME A 40 -2.18 -4.30 -12.22
CE SME A 40 -0.57 -5.74 -10.91
C SME A 40 0.53 -0.13 -10.50
O SME A 40 -0.01 -0.50 -9.45
H SME A 40 1.04 -1.79 -12.90
HA SME A 40 -0.61 0.22 -12.18
HB2 SME A 40 -1.43 -1.89 -12.58
HB3 SME A 40 -1.72 -1.45 -11.09
HG2 SME A 40 -0.07 -2.83 -10.31
HG3 SME A 40 0.30 -3.28 -11.78
HE1 SME A 40 -0.07 -5.72 -10.07
HE2 SME A 40 0.06 -5.75 -11.66
HE3 SME A 40 -1.13 -6.55 -10.93
N ASN A 41 1.60 0.66 -10.51
CA ASN A 41 2.12 1.25 -9.28
C ASN A 41 1.20 2.39 -8.89
N VAL A 42 1.15 2.77 -7.61
CA VAL A 42 0.23 3.83 -7.22
C VAL A 42 0.58 5.15 -7.90
N GLY A 43 1.86 5.33 -8.23
CA GLY A 43 2.32 6.45 -9.04
C GLY A 43 2.54 7.73 -8.24
N ASP A 44 2.98 8.76 -8.94
CA ASP A 44 3.40 9.96 -8.27
C ASP A 44 2.24 10.86 -7.84
N ALA A 45 1.18 10.93 -8.63
CA ALA A 45 0.05 11.81 -8.29
C ALA A 45 -0.63 11.34 -7.00
N LYS A 46 -1.07 10.09 -7.00
CA LYS A 46 -1.65 9.51 -5.80
C LYS A 46 -0.60 9.34 -4.73
N GLY A 47 0.64 9.07 -5.12
CA GLY A 47 1.72 8.91 -4.16
C GLY A 47 1.96 10.16 -3.32
N GLN A 48 1.78 11.34 -3.90
CA GLN A 48 1.94 12.58 -3.14
C GLN A 48 0.84 12.70 -2.08
N ILE A 49 -0.36 12.20 -2.37
CA ILE A 49 -1.43 12.22 -1.39
C ILE A 49 -1.07 11.24 -0.27
N MET A 50 -0.61 10.05 -0.63
CA MET A 50 -0.14 9.10 0.38
CA MET A 50 -0.12 9.07 0.34
C MET A 50 0.96 9.66 1.25
N ASP A 51 1.90 10.39 0.66
CA ASP A 51 2.97 10.99 1.43
C ASP A 51 2.42 11.94 2.50
N ALA A 52 1.47 12.75 2.08
CA ALA A 52 0.87 13.72 2.99
C ALA A 52 0.13 13.02 4.14
N VAL A 53 -0.55 11.92 3.85
CA VAL A 53 -1.24 11.14 4.89
C VAL A 53 -0.25 10.47 5.83
N ILE A 54 0.80 9.86 5.29
CA ILE A 54 1.81 9.25 6.12
C ILE A 54 2.45 10.26 7.06
N ARG A 55 2.77 11.44 6.53
CA ARG A 55 3.39 12.45 7.37
C ARG A 55 2.43 12.94 8.45
N GLU A 56 1.14 13.01 8.15
CA GLU A 56 0.16 13.47 9.13
C GLU A 56 0.08 12.52 10.33
N TYR A 57 0.06 11.22 10.07
CA TYR A 57 -0.17 10.22 11.11
C TYR A 57 1.09 9.59 11.69
N SER A 58 2.23 9.73 11.02
CA SER A 58 3.48 9.12 11.49
CA SER A 58 3.48 9.13 11.47
C SER A 58 3.28 7.73 12.05
N PRO A 59 2.72 6.82 11.26
CA PRO A 59 2.38 5.48 11.79
C PRO A 59 3.60 4.68 12.20
N SER A 60 3.50 3.99 13.33
CA SER A 60 4.57 3.09 13.76
C SER A 60 4.53 1.72 13.09
N LEU A 61 3.35 1.26 12.74
CA LEU A 61 3.18 -0.04 12.08
C LEU A 61 2.14 0.08 10.97
N VAL A 62 2.59 -0.17 9.75
CA VAL A 62 1.74 -0.10 8.58
C VAL A 62 1.65 -1.48 7.95
N LEU A 63 0.45 -1.86 7.50
CA LEU A 63 0.24 -3.06 6.71
C LEU A 63 -0.16 -2.65 5.31
N GLU A 64 0.52 -3.20 4.31
CA GLU A 64 0.15 -3.03 2.90
C GLU A 64 -0.35 -4.34 2.34
N LEU A 65 -1.47 -4.27 1.64
CA LEU A 65 -2.02 -5.42 0.94
C LEU A 65 -1.81 -5.20 -0.54
N GLY A 66 -0.90 -6.00 -1.12
CA GLY A 66 -0.55 -5.90 -2.52
C GLY A 66 0.72 -5.13 -2.75
N ALA A 67 1.85 -5.80 -2.95
CA ALA A 67 3.16 -5.15 -3.09
C ALA A 67 3.58 -4.89 -4.52
N TYR A 68 3.27 -5.82 -5.40
CA TYR A 68 3.65 -5.77 -6.82
C TYR A 68 5.18 -5.70 -6.96
N CYS A 69 5.75 -4.58 -7.39
CA CYS A 69 7.19 -4.44 -7.55
C CYS A 69 7.84 -3.65 -6.43
N GLY A 70 7.07 -3.23 -5.44
CA GLY A 70 7.61 -2.52 -4.30
C GLY A 70 7.54 -1.01 -4.33
N TYR A 71 6.93 -0.42 -5.35
CA TYR A 71 6.86 1.04 -5.45
C TYR A 71 6.21 1.68 -4.24
N SER A 72 5.01 1.23 -3.91
CA SER A 72 4.33 1.82 -2.76
C SER A 72 5.00 1.51 -1.43
N ALA A 73 5.61 0.34 -1.30
CA ALA A 73 6.38 0.03 -0.09
C ALA A 73 7.56 0.98 0.06
N VAL A 74 8.28 1.23 -1.03
CA VAL A 74 9.37 2.20 -0.99
C VAL A 74 8.82 3.59 -0.64
N ARG A 75 7.71 3.95 -1.27
CA ARG A 75 7.13 5.25 -1.06
C ARG A 75 6.78 5.47 0.42
N MET A 76 6.13 4.50 1.06
CA MET A 76 5.76 4.64 2.45
C MET A 76 6.95 4.47 3.38
N ALA A 77 7.78 3.46 3.15
CA ALA A 77 8.85 3.18 4.10
C ALA A 77 9.88 4.30 4.17
N ARG A 78 10.08 5.06 3.10
CA ARG A 78 11.06 6.13 3.15
C ARG A 78 10.64 7.27 4.07
N LEU A 79 9.34 7.34 4.40
CA LEU A 79 8.82 8.37 5.27
C LEU A 79 8.60 7.91 6.72
N LEU A 80 8.84 6.64 6.99
CA LEU A 80 8.67 6.14 8.35
C LEU A 80 9.77 6.61 9.28
N GLN A 81 9.42 6.84 10.56
CA GLN A 81 10.40 7.28 11.54
C GLN A 81 11.27 6.12 11.91
N PRO A 82 12.48 6.40 12.42
CA PRO A 82 13.32 5.28 12.87
C PRO A 82 12.57 4.35 13.82
N GLY A 83 12.68 3.05 13.56
CA GLY A 83 12.03 2.05 14.37
C GLY A 83 10.64 1.68 13.91
N ALA A 84 10.00 2.52 13.09
CA ALA A 84 8.68 2.20 12.55
C ALA A 84 8.83 1.12 11.47
N ARG A 85 7.74 0.40 11.19
CA ARG A 85 7.82 -0.79 10.37
C ARG A 85 6.64 -0.90 9.41
N LEU A 86 6.91 -1.52 8.26
CA LEU A 86 5.91 -1.82 7.26
C LEU A 86 5.92 -3.32 7.01
N LEU A 87 4.74 -3.92 7.02
CA LEU A 87 4.54 -5.30 6.62
CA LEU A 87 4.56 -5.29 6.61
C LEU A 87 3.76 -5.26 5.32
N THR A 88 4.24 -5.95 4.29
CA THR A 88 3.52 -5.98 3.03
C THR A 88 3.27 -7.42 2.60
N MET A 89 2.08 -7.66 2.06
CA MET A 89 1.65 -9.01 1.67
C MET A 89 1.46 -9.08 0.16
N GLU A 90 2.01 -10.12 -0.46
CA GLU A 90 1.99 -10.25 -1.92
C GLU A 90 1.81 -11.73 -2.28
N ILE A 91 0.73 -12.03 -2.96
CA ILE A 91 0.34 -13.41 -3.29
C ILE A 91 1.18 -14.00 -4.41
N ASN A 92 1.73 -13.15 -5.28
CA ASN A 92 2.48 -13.66 -6.43
C ASN A 92 3.96 -13.77 -6.08
N PRO A 93 4.54 -14.98 -6.13
CA PRO A 93 5.91 -15.12 -5.62
C PRO A 93 6.95 -14.39 -6.48
N ASP A 94 6.73 -14.31 -7.79
CA ASP A 94 7.66 -13.57 -8.63
C ASP A 94 7.70 -12.11 -8.24
N CYS A 95 6.53 -11.55 -7.97
CA CYS A 95 6.47 -10.18 -7.50
C CYS A 95 7.04 -9.99 -6.10
N ALA A 96 6.81 -10.95 -5.20
CA ALA A 96 7.39 -10.85 -3.88
C ALA A 96 8.91 -10.80 -3.98
N ALA A 97 9.49 -11.63 -4.84
CA ALA A 97 10.94 -11.61 -5.02
C ALA A 97 11.46 -10.28 -5.59
N ILE A 98 10.72 -9.71 -6.56
CA ILE A 98 11.11 -8.43 -7.10
CA ILE A 98 11.07 -8.41 -7.13
C ILE A 98 11.01 -7.34 -6.04
N THR A 99 9.93 -7.35 -5.26
CA THR A 99 9.76 -6.36 -4.20
C THR A 99 10.92 -6.42 -3.21
N GLN A 100 11.34 -7.62 -2.84
CA GLN A 100 12.47 -7.72 -1.90
C GLN A 100 13.71 -7.09 -2.50
N GLN A 101 13.97 -7.34 -3.77
CA GLN A 101 15.14 -6.75 -4.42
C GLN A 101 15.05 -5.24 -4.55
N MET A 102 13.84 -4.75 -4.78
CA MET A 102 13.59 -3.32 -4.89
C MET A 102 13.87 -2.63 -3.54
N LEU A 103 13.36 -3.22 -2.47
CA LEU A 103 13.60 -2.70 -1.12
C LEU A 103 15.07 -2.74 -0.77
N ASN A 104 15.73 -3.84 -1.10
CA ASN A 104 17.18 -3.95 -0.86
C ASN A 104 17.91 -2.81 -1.56
N PHE A 105 17.60 -2.59 -2.84
CA PHE A 105 18.26 -1.56 -3.60
C PHE A 105 18.06 -0.19 -2.97
N ALA A 106 16.83 0.08 -2.53
CA ALA A 106 16.47 1.35 -1.91
C ALA A 106 17.09 1.52 -0.53
N GLY A 107 17.61 0.44 0.06
CA GLY A 107 18.17 0.47 1.40
C GLY A 107 17.14 0.45 2.52
N LEU A 108 15.94 -0.01 2.21
CA LEU A 108 14.82 0.03 3.18
C LEU A 108 14.49 -1.35 3.73
N GLN A 109 15.35 -2.32 3.47
CA GLN A 109 15.07 -3.69 3.86
C GLN A 109 14.90 -3.89 5.36
N ASP A 110 15.53 -3.05 6.18
CA ASP A 110 15.43 -3.22 7.64
C ASP A 110 14.07 -2.73 8.15
N LYS A 111 13.37 -1.92 7.38
CA LYS A 111 12.08 -1.34 7.81
C LYS A 111 10.88 -2.12 7.31
N VAL A 112 11.08 -2.97 6.32
CA VAL A 112 9.98 -3.60 5.64
C VAL A 112 10.11 -5.11 5.66
N THR A 113 8.98 -5.78 5.88
CA THR A 113 8.95 -7.24 5.77
C THR A 113 7.94 -7.58 4.70
N ILE A 114 8.41 -8.26 3.66
CA ILE A 114 7.52 -8.65 2.57
C ILE A 114 7.22 -10.11 2.77
N LEU A 115 5.92 -10.43 2.86
CA LEU A 115 5.45 -11.79 3.03
C LEU A 115 4.81 -12.29 1.76
N ASN A 116 5.24 -13.46 1.29
CA ASN A 116 4.65 -14.07 0.09
C ASN A 116 3.48 -15.00 0.47
N GLY A 117 2.26 -14.50 0.33
CA GLY A 117 1.07 -15.28 0.60
C GLY A 117 -0.17 -14.43 0.35
N ALA A 118 -1.34 -15.04 0.45
CA ALA A 118 -2.61 -14.32 0.30
C ALA A 118 -2.96 -13.60 1.57
N SER A 119 -3.37 -12.35 1.45
CA SER A 119 -3.80 -11.57 2.62
C SER A 119 -4.77 -12.30 3.53
N GLN A 120 -5.75 -12.99 2.95
CA GLN A 120 -6.78 -13.64 3.76
C GLN A 120 -6.20 -14.80 4.59
N ASP A 121 -5.08 -15.34 4.15
CA ASP A 121 -4.41 -16.40 4.89
C ASP A 121 -3.41 -15.86 5.94
N LEU A 122 -2.77 -14.73 5.63
CA LEU A 122 -1.72 -14.17 6.48
C LEU A 122 -2.30 -13.29 7.58
N ILE A 123 -3.36 -12.54 7.29
CA ILE A 123 -3.94 -11.65 8.28
C ILE A 123 -4.27 -12.37 9.62
N PRO A 124 -4.87 -13.57 9.56
CA PRO A 124 -5.16 -14.26 10.84
C PRO A 124 -3.93 -14.74 11.61
N GLN A 125 -2.75 -14.67 11.00
CA GLN A 125 -1.50 -15.05 11.66
C GLN A 125 -0.73 -13.88 12.23
N LEU A 126 -1.18 -12.65 11.99
CA LEU A 126 -0.38 -11.50 12.40
C LEU A 126 -0.15 -11.41 13.91
N LYS A 127 -1.18 -11.63 14.72
CA LYS A 127 -0.94 -11.52 16.15
C LYS A 127 -0.03 -12.62 16.66
N LYS A 128 -0.35 -13.87 16.37
CA LYS A 128 0.39 -14.95 17.01
C LYS A 128 1.74 -15.24 16.40
N LYS A 129 1.83 -15.14 15.08
CA LYS A 129 3.09 -15.45 14.43
C LYS A 129 4.02 -14.24 14.34
N TYR A 130 3.44 -13.06 14.12
CA TYR A 130 4.24 -11.87 13.84
C TYR A 130 4.24 -10.87 15.00
N ASP A 131 3.59 -11.25 16.11
CA ASP A 131 3.59 -10.45 17.34
C ASP A 131 2.99 -9.05 17.15
N VAL A 132 2.05 -8.92 16.23
CA VAL A 132 1.36 -7.65 16.05
C VAL A 132 0.30 -7.50 17.15
N ASP A 133 0.15 -6.29 17.66
CA ASP A 133 -0.97 -5.93 18.51
C ASP A 133 -2.06 -5.34 17.63
N THR A 134 -1.95 -4.05 17.32
CA THR A 134 -2.90 -3.42 16.39
C THR A 134 -2.12 -2.64 15.37
N LEU A 135 -2.79 -2.35 14.28
CA LEU A 135 -2.18 -1.65 13.16
C LEU A 135 -2.48 -0.16 13.25
N ASP A 136 -1.51 0.67 12.89
CA ASP A 136 -1.74 2.11 12.82
C ASP A 136 -2.34 2.56 11.49
N MET A 137 -2.00 1.87 10.41
CA MET A 137 -2.42 2.22 9.07
CA MET A 137 -2.42 2.23 9.08
C MET A 137 -2.40 0.98 8.20
N VAL A 138 -3.35 0.92 7.28
CA VAL A 138 -3.44 -0.14 6.28
C VAL A 138 -3.57 0.52 4.92
N PHE A 139 -2.72 0.12 3.98
CA PHE A 139 -2.86 0.52 2.60
C PHE A 139 -3.43 -0.66 1.82
N LEU A 140 -4.65 -0.47 1.31
CA LEU A 140 -5.33 -1.50 0.53
CA LEU A 140 -5.34 -1.50 0.53
C LEU A 140 -5.10 -1.23 -0.94
N ASP A 141 -4.43 -2.16 -1.62
CA ASP A 141 -4.10 -1.97 -3.03
C ASP A 141 -3.90 -3.30 -3.74
N HIS A 142 -4.68 -4.30 -3.35
CA HIS A 142 -4.61 -5.62 -3.96
C HIS A 142 -5.81 -5.81 -4.89
N TRP A 143 -6.31 -7.03 -5.11
CA TRP A 143 -7.42 -7.15 -6.03
C TRP A 143 -8.64 -6.50 -5.38
N LYS A 144 -9.42 -5.78 -6.17
CA LYS A 144 -10.37 -4.86 -5.59
CA LYS A 144 -10.44 -4.87 -5.63
C LYS A 144 -11.54 -5.58 -4.88
N ASP A 145 -11.80 -6.84 -5.23
CA ASP A 145 -12.83 -7.61 -4.56
C ASP A 145 -12.43 -8.06 -3.16
N ARG A 146 -11.17 -7.84 -2.77
CA ARG A 146 -10.69 -8.22 -1.45
CA ARG A 146 -10.76 -8.23 -1.44
C ARG A 146 -10.73 -7.07 -0.44
N TYR A 147 -10.98 -5.84 -0.90
CA TYR A 147 -10.88 -4.73 0.05
C TYR A 147 -11.88 -4.87 1.19
N LEU A 148 -13.13 -5.15 0.84
CA LEU A 148 -14.16 -5.29 1.89
C LEU A 148 -13.94 -6.55 2.76
N PRO A 149 -13.84 -7.74 2.15
CA PRO A 149 -13.61 -8.90 3.03
C PRO A 149 -12.39 -8.78 3.93
N ASP A 150 -11.29 -8.22 3.44
CA ASP A 150 -10.10 -8.13 4.27
C ASP A 150 -10.26 -7.07 5.36
N THR A 151 -11.00 -6.01 5.10
CA THR A 151 -11.32 -5.04 6.14
C THR A 151 -12.10 -5.68 7.28
N LEU A 152 -13.11 -6.46 6.91
CA LEU A 152 -13.91 -7.16 7.93
C LEU A 152 -13.09 -8.19 8.69
N LEU A 153 -12.19 -8.86 7.98
CA LEU A 153 -11.29 -9.81 8.61
C LEU A 153 -10.31 -9.14 9.58
N LEU A 154 -9.77 -7.99 9.21
CA LEU A 154 -8.89 -7.27 10.10
C LEU A 154 -9.59 -6.94 11.41
N GLU A 155 -10.86 -6.50 11.33
CA GLU A 155 -11.59 -6.22 12.56
C GLU A 155 -11.84 -7.48 13.37
N LYS A 156 -12.24 -8.55 12.70
CA LYS A 156 -12.50 -9.81 13.39
C LYS A 156 -11.31 -10.27 14.19
N CYS A 157 -10.15 -10.14 13.59
CA CYS A 157 -8.90 -10.57 14.18
C CYS A 157 -8.34 -9.63 15.25
N GLY A 158 -9.02 -8.53 15.51
CA GLY A 158 -8.61 -7.62 16.56
C GLY A 158 -7.46 -6.71 16.20
N LEU A 159 -7.25 -6.50 14.90
CA LEU A 159 -6.08 -5.77 14.42
C LEU A 159 -6.32 -4.27 14.26
N LEU A 160 -7.57 -3.83 14.33
CA LEU A 160 -7.90 -2.41 14.24
C LEU A 160 -8.08 -1.82 15.64
N ARG A 161 -7.70 -0.56 15.78
CA ARG A 161 -7.93 0.19 17.00
C ARG A 161 -8.65 1.48 16.63
N LYS A 162 -9.16 2.19 17.63
CA LYS A 162 -9.70 3.51 17.38
C LYS A 162 -8.61 4.35 16.76
N GLY A 163 -8.89 4.92 15.58
CA GLY A 163 -7.92 5.74 14.89
C GLY A 163 -7.12 5.02 13.81
N THR A 164 -7.22 3.71 13.68
CA THR A 164 -6.49 3.04 12.58
C THR A 164 -6.93 3.63 11.24
N VAL A 165 -5.96 4.00 10.42
CA VAL A 165 -6.22 4.65 9.14
C VAL A 165 -6.20 3.61 8.03
N LEU A 166 -7.31 3.40 7.35
CA LEU A 166 -7.34 2.63 6.11
C LEU A 166 -7.22 3.61 4.96
N LEU A 167 -6.30 3.34 4.05
CA LEU A 167 -6.15 4.17 2.86
C LEU A 167 -6.26 3.22 1.68
N ALA A 168 -7.27 3.44 0.85
CA ALA A 168 -7.61 2.52 -0.24
C ALA A 168 -7.35 3.16 -1.58
N ASP A 169 -6.52 2.50 -2.39
CA ASP A 169 -6.27 2.94 -3.78
C ASP A 169 -7.41 2.53 -4.71
N ASN A 170 -7.53 3.22 -5.83
CA ASN A 170 -8.35 2.77 -6.96
C ASN A 170 -9.83 2.72 -6.65
N VAL A 171 -10.31 3.63 -5.84
CA VAL A 171 -11.74 3.57 -5.51
C VAL A 171 -12.63 4.09 -6.64
N ILE A 172 -12.03 4.64 -7.71
CA ILE A 172 -12.79 4.98 -8.91
C ILE A 172 -12.45 4.02 -10.06
N VAL A 173 -11.16 3.82 -10.35
CA VAL A 173 -10.73 2.92 -11.43
C VAL A 173 -9.60 2.05 -10.87
N PRO A 174 -9.77 0.74 -10.88
CA PRO A 174 -10.94 -0.02 -11.35
C PRO A 174 -12.20 0.18 -10.54
N GLY A 175 -12.09 0.72 -9.32
CA GLY A 175 -13.26 0.86 -8.46
C GLY A 175 -13.36 -0.28 -7.49
N THR A 176 -14.01 -0.02 -6.36
CA THR A 176 -14.22 -1.04 -5.32
CA THR A 176 -14.19 -0.96 -5.27
C THR A 176 -15.58 -0.73 -4.67
N PRO A 177 -16.65 -1.00 -5.43
CA PRO A 177 -17.96 -0.46 -5.02
C PRO A 177 -18.48 -0.99 -3.69
N ASP A 178 -18.30 -2.26 -3.39
CA ASP A 178 -18.81 -2.78 -2.13
C ASP A 178 -18.06 -2.18 -0.94
N PHE A 179 -16.73 -2.12 -1.01
CA PHE A 179 -15.95 -1.50 0.05
C PHE A 179 -16.36 -0.03 0.24
N LEU A 180 -16.45 0.71 -0.86
CA LEU A 180 -16.69 2.12 -0.76
C LEU A 180 -18.08 2.42 -0.14
N ALA A 181 -19.09 1.69 -0.60
CA ALA A 181 -20.44 1.84 -0.06
C ALA A 181 -20.44 1.49 1.43
N TYR A 182 -19.76 0.40 1.77
CA TYR A 182 -19.76 -0.06 3.13
C TYR A 182 -19.12 0.96 4.08
N VAL A 183 -17.89 1.41 3.79
CA VAL A 183 -17.25 2.29 4.73
C VAL A 183 -17.98 3.62 4.81
N ARG A 184 -18.50 4.11 3.69
CA ARG A 184 -19.19 5.40 3.69
C ARG A 184 -20.51 5.32 4.43
N GLY A 185 -21.11 4.13 4.53
CA GLY A 185 -22.37 3.97 5.23
C GLY A 185 -22.24 3.53 6.66
N SER A 186 -21.03 3.28 7.12
CA SER A 186 -20.80 2.72 8.44
C SER A 186 -20.46 3.78 9.47
N SER A 187 -21.16 3.77 10.59
CA SER A 187 -20.86 4.69 11.67
CA SER A 187 -20.86 4.69 11.67
C SER A 187 -19.53 4.37 12.34
N SER A 188 -18.94 3.22 12.00
CA SER A 188 -17.63 2.84 12.54
C SER A 188 -16.45 3.34 11.73
N PHE A 189 -16.70 4.07 10.65
CA PHE A 189 -15.63 4.71 9.88
C PHE A 189 -15.93 6.16 9.63
N GLU A 190 -14.89 6.98 9.70
CA GLU A 190 -14.96 8.35 9.26
C GLU A 190 -14.18 8.43 7.94
N CYS A 191 -14.86 8.79 6.86
CA CYS A 191 -14.30 8.70 5.52
C CYS A 191 -14.03 10.05 4.89
N THR A 192 -12.97 10.08 4.11
CA THR A 192 -12.60 11.23 3.31
C THR A 192 -12.14 10.73 1.93
N HIS A 193 -12.61 11.39 0.88
CA HIS A 193 -12.21 11.07 -0.49
C HIS A 193 -11.18 12.05 -1.01
N TYR A 194 -10.10 11.53 -1.59
CA TYR A 194 -9.04 12.35 -2.20
C TYR A 194 -9.03 12.09 -3.68
N SER A 195 -9.60 13.01 -4.46
CA SER A 195 -9.67 12.84 -5.90
C SER A 195 -8.29 13.01 -6.51
N SER A 196 -7.98 12.19 -7.50
CA SER A 196 -6.67 12.24 -8.12
C SER A 196 -6.78 11.66 -9.54
N TYR A 197 -5.71 11.00 -9.99
CA TYR A 197 -5.61 10.47 -11.34
C TYR A 197 -4.98 9.09 -11.26
N LEU A 198 -5.44 8.21 -12.14
CA LEU A 198 -4.84 6.92 -12.30
C LEU A 198 -3.36 7.11 -12.64
N GLU A 199 -2.53 6.25 -12.06
CA GLU A 199 -1.11 6.34 -12.27
C GLU A 199 -0.75 6.47 -13.74
N TYR A 200 0.05 7.50 -14.02
CA TYR A 200 0.67 7.72 -15.34
C TYR A 200 -0.33 8.06 -16.43
N MET A 201 -1.58 8.35 -16.08
CA MET A 201 -2.65 8.51 -17.06
CA MET A 201 -2.61 8.57 -17.08
C MET A 201 -3.52 9.73 -16.75
N LYS A 202 -4.14 10.26 -17.79
CA LYS A 202 -5.12 11.32 -17.66
C LYS A 202 -6.52 10.72 -17.55
N VAL A 203 -6.72 10.00 -16.47
CA VAL A 203 -7.96 9.31 -16.12
C VAL A 203 -8.18 9.59 -14.62
N VAL A 204 -9.39 10.02 -14.26
CA VAL A 204 -9.67 10.32 -12.86
C VAL A 204 -9.67 9.03 -12.05
N ASP A 205 -9.03 9.08 -10.89
CA ASP A 205 -9.14 8.02 -9.89
C ASP A 205 -9.18 8.70 -8.54
N GLY A 206 -9.03 7.95 -7.46
CA GLY A 206 -9.01 8.55 -6.13
C GLY A 206 -8.64 7.55 -5.08
N LEU A 207 -8.28 8.10 -3.94
CA LEU A 207 -8.04 7.32 -2.73
C LEU A 207 -9.14 7.61 -1.73
N GLU A 208 -9.50 6.60 -0.95
CA GLU A 208 -10.42 6.81 0.17
C GLU A 208 -9.65 6.59 1.44
N LYS A 209 -9.76 7.53 2.38
CA LYS A 209 -9.26 7.33 3.73
C LYS A 209 -10.46 7.00 4.62
N ALA A 210 -10.40 5.90 5.33
CA ALA A 210 -11.47 5.49 6.22
C ALA A 210 -10.84 5.23 7.58
N ILE A 211 -11.16 6.07 8.56
CA ILE A 211 -10.58 5.94 9.88
CA ILE A 211 -10.59 5.98 9.90
C ILE A 211 -11.51 5.13 10.75
N TYR A 212 -10.99 4.04 11.32
CA TYR A 212 -11.82 3.17 12.17
C TYR A 212 -12.13 3.86 13.50
N GLN A 213 -13.39 3.83 13.93
N GLN A 213 -13.42 3.80 13.88
CA GLN A 213 -13.75 4.45 15.21
CA GLN A 213 -13.96 4.43 15.09
C GLN A 213 -14.51 3.48 16.10
C GLN A 213 -14.43 3.39 16.06
N GLY A 214 -13.95 2.28 16.23
N GLY A 214 -14.81 2.24 15.50
CA GLY A 214 -14.44 1.28 17.18
CA GLY A 214 -15.54 1.20 16.22
C GLY A 214 -15.84 0.81 16.86
C GLY A 214 -14.96 0.72 17.54
N PRO A 215 -16.34 -0.15 17.64
N PRO A 215 -15.73 -0.12 18.25
CA PRO A 215 -17.72 -0.64 17.53
CA PRO A 215 -15.44 -0.60 19.60
C PRO A 215 -18.76 0.49 17.63
C PRO A 215 -14.55 -1.85 19.61
N SAH B . 0.77 -1.37 -4.08
CA SAH B . 1.52 -1.58 -5.34
CB SAH B . 0.67 -2.10 -6.47
CG SAH B . -0.10 -3.36 -6.07
SD SAH B . -0.81 -4.12 -7.60
C SAH B . 2.17 -0.28 -5.68
O SAH B . 3.38 -0.25 -6.00
OXT SAH B . 1.49 0.75 -5.66
C5' SAH B . -1.87 -5.43 -6.85
C4' SAH B . -1.07 -6.54 -6.26
O4' SAH B . -1.95 -7.24 -5.34
C3' SAH B . -0.56 -7.57 -7.26
O3' SAH B . 0.87 -7.70 -7.27
C2' SAH B . -1.28 -8.85 -6.83
O2' SAH B . -0.55 -10.07 -7.08
C1' SAH B . -1.52 -8.62 -5.34
N9 SAH B . -2.59 -9.39 -4.78
C8 SAH B . -3.82 -9.64 -5.32
N7 SAH B . -4.61 -10.28 -4.42
C5 SAH B . -3.87 -10.45 -3.30
C6 SAH B . -4.12 -11.04 -2.06
N6 SAH B . -5.27 -11.62 -1.73
N1 SAH B . -3.12 -11.02 -1.12
C2 SAH B . -1.91 -10.48 -1.39
N3 SAH B . -1.63 -9.91 -2.61
C4 SAH B . -2.60 -9.88 -3.52
H2 SAH B . -1.14 -10.48 -0.63
HN1 SAH B . -0.02 -0.75 -4.26
H3 SAH B . 1.09 -0.96 -3.19
HN2 SAH B . 0.43 -2.27 -3.72
HA SAH B . 2.23 -2.24 -5.17
HB1 SAH B . 1.31 -2.32 -7.33
HB2 SAH B . -0.03 -1.32 -6.78
HG1 SAH B . 0.57 -4.05 -5.57
HG2 SAH B . -0.90 -3.10 -5.38
H5'1 SAH B . -2.50 -4.99 -6.08
H5'2 SAH B . -2.53 -5.84 -7.62
H4' SAH B . -0.22 -6.13 -5.71
H3' SAH B . -0.89 -7.28 -8.26
HO3' SAH B . 1.18 -7.89 -6.36
H2' SAH B . -2.25 -8.90 -7.35
HO2' SAH B . 0.18 -10.15 -6.44
H1' SAH B . -0.64 -8.87 -4.76
H8 SAH B . -4.13 -9.36 -6.33
HN61 SAH B . -5.39 -12.06 -0.82
HN62 SAH B . -6.05 -11.63 -2.42
N1 7JR C . -4.65 -2.46 -9.87
C4 7JR C . -4.61 -0.08 -11.23
C5 7JR C . -5.09 -1.23 -11.84
C6 7JR C . -5.10 -2.40 -11.14
C7 7JR C . -4.66 -3.74 -9.16
C10 7JR C . -5.62 -1.16 -13.25
C13 7JR C . -6.58 -1.00 -15.86
C15 7JR C . -5.49 -2.24 -14.09
C2 7JR C . -4.19 -1.36 -9.27
C3 7JR C . -4.14 -0.14 -9.93
O8 7JR C . -3.79 -1.42 -7.98
O9 7JR C . -3.65 0.94 -9.26
C11 7JR C . -6.22 0.01 -13.71
C12 7JR C . -6.69 0.10 -15.02
C14 7JR C . -5.97 -2.16 -15.41
H41 7JR C . -4.60 0.76 -11.72
H61 7JR C . -5.44 -3.22 -11.57
H71 7JR C . -4.30 -4.44 -9.74
H72 7JR C . -5.59 -3.96 -8.90
H73 7JR C . -4.11 -3.67 -8.35
H131 7JR C . -6.91 -0.94 -16.79
H151 7JR C . -5.07 -3.07 -13.78
H91 7JR C . -2.77 0.97 -9.37
H111 7JR C . -6.29 0.77 -13.12
H121 7JR C . -7.12 0.93 -15.33
H141 7JR C . -5.87 -2.94 -15.99
CL CL D . 1.36 9.51 -11.77
S CXS E . 1.51 -4.03 -20.60
O1 CXS E . 0.50 -3.81 -19.61
O2 CXS E . 2.58 -4.69 -19.88
O3 CXS E . 0.96 -4.83 -21.72
C1 CXS E . 2.14 -2.52 -21.19
C2 CXS E . 1.09 -1.69 -21.90
C3 CXS E . -0.04 -1.31 -20.95
N CXS E . -0.95 -0.31 -21.40
C4 CXS E . -2.29 -0.28 -20.78
C5 CXS E . -2.35 -0.70 -19.35
C6 CXS E . -3.55 -0.18 -18.59
C7 CXS E . -3.82 1.26 -18.85
C8 CXS E . -3.93 1.53 -20.30
C9 CXS E . -2.73 1.10 -21.07
HO3 CXS E . 0.53 -5.54 -21.39
H11 CXS E . 2.86 -2.71 -21.81
H12 CXS E . 2.50 -2.00 -20.43
H21 CXS E . 1.51 -0.86 -22.24
H22 CXS E . 0.71 -2.20 -22.65
H31 CXS E . 0.39 -0.97 -20.15
H32 CXS E . -0.52 -2.10 -20.71
HN CXS E . -0.99 -0.30 -22.33
H4 CXS E . -3.09 -0.73 -21.14
H51 CXS E . -2.35 -1.67 -19.31
H52 CXS E . -1.55 -0.36 -18.91
H61 CXS E . -3.39 -0.30 -17.62
H62 CXS E . -4.34 -0.69 -18.86
H71 CXS E . -4.63 1.52 -18.39
H72 CXS E . -3.09 1.78 -18.49
H81 CXS E . -4.70 1.06 -20.64
H82 CXS E . -4.08 2.48 -20.42
H91 CXS E . -2.94 1.17 -22.00
H92 CXS E . -2.01 1.71 -20.88
S CXS F . -18.60 -6.11 18.73
O1 CXS F . -17.87 -6.94 19.66
O2 CXS F . -19.61 -7.03 18.24
O3 CXS F . -19.21 -4.94 19.36
C1 CXS F . -17.61 -5.58 17.40
C2 CXS F . -18.34 -4.84 16.29
C3 CXS F . -17.53 -4.54 15.06
N CXS F . -18.25 -3.80 14.04
C4 CXS F . -17.35 -3.38 12.95
C5 CXS F . -16.88 -4.59 12.20
C6 CXS F . -16.05 -4.22 11.03
C7 CXS F . -16.72 -3.23 10.14
C8 CXS F . -17.15 -2.02 10.89
C9 CXS F . -18.01 -2.42 12.05
HO3 CXS F . -19.65 -5.19 20.11
H11 CXS F . -16.93 -4.99 17.76
H12 CXS F . -17.16 -6.37 17.01
H21 CXS F . -19.13 -5.38 16.03
H22 CXS F . -18.65 -3.98 16.66
H31 CXS F . -16.77 -4.01 15.33
H32 CXS F . -17.23 -5.37 14.68
HN CXS F . -18.64 -3.04 14.42
H4 CXS F . -16.52 -2.89 13.05
H51 CXS F . -16.35 -5.15 12.79
H52 CXS F . -17.65 -5.10 11.89
H61 CXS F . -15.18 -3.85 11.35
H62 CXS F . -15.82 -5.02 10.52
H71 CXS F . -17.50 -3.65 9.73
H72 CXS F . -16.11 -2.96 9.45
H81 CXS F . -17.65 -1.44 10.31
H82 CXS F . -16.37 -1.56 11.22
H91 CXS F . -18.26 -1.64 12.52
H92 CXS F . -18.82 -2.81 11.70
S CXS G . 7.57 -9.71 -25.16
O1 CXS G . 8.89 -10.26 -25.03
O2 CXS G . 7.41 -9.68 -26.60
O3 CXS G . 6.54 -10.57 -24.54
C1 CXS G . 7.48 -8.09 -24.48
C2 CXS G . 8.51 -7.07 -24.97
C3 CXS G . 8.46 -5.68 -24.36
N CXS G . 9.51 -4.74 -24.70
C4 CXS G . 9.24 -3.47 -24.04
C5 CXS G . 10.50 -2.73 -23.77
C6 CXS G . 10.31 -1.32 -23.33
C7 CXS G . 9.35 -0.58 -24.21
C8 CXS G . 8.08 -1.32 -24.39
C9 CXS G . 8.31 -2.69 -24.91
H11 CXS G . 6.59 -7.74 -24.67
H12 CXS G . 7.58 -8.18 -23.50
H21 CXS G . 8.42 -7.00 -25.95
H22 CXS G . 9.40 -7.45 -24.80
H31 CXS G . 7.61 -5.28 -24.61
H32 CXS G . 8.45 -5.78 -23.40
HN CXS G . 10.34 -5.06 -24.43
H4 CXS G . 8.72 -3.33 -23.22
H51 CXS G . 11.06 -2.73 -24.56
H52 CXS G . 11.00 -3.20 -23.06
H61 CXS G . 11.18 -0.85 -23.35
H62 CXS G . 9.95 -1.31 -22.41
H71 CXS G . 9.77 -0.43 -25.07
H72 CXS G . 9.15 0.27 -23.80
H81 CXS G . 7.62 -1.37 -23.55
H82 CXS G . 7.51 -0.82 -25.00
H91 CXS G . 7.47 -3.14 -24.96
H92 CXS G . 8.69 -2.63 -25.80
S SO4 H . 15.51 1.55 11.77
O1 SO4 H . 16.25 1.24 10.55
O2 SO4 H . 16.12 2.68 12.47
O3 SO4 H . 15.48 0.39 12.67
O4 SO4 H . 14.14 1.88 11.41
S SO4 I . 1.83 2.58 -22.45
O1 SO4 I . 2.36 1.31 -21.90
O2 SO4 I . 2.84 3.13 -23.38
O3 SO4 I . 1.49 3.53 -21.40
O4 SO4 I . 0.56 2.40 -23.17
S SO4 J . -8.34 -5.69 -10.17
O1 SO4 J . -7.16 -5.16 -10.85
O2 SO4 J . -8.26 -7.15 -10.29
O3 SO4 J . -8.24 -5.31 -8.80
O4 SO4 J . -9.50 -5.20 -10.90
MG MG K . -3.54 0.54 -7.17
#